data_4D53
#
_entry.id   4D53
#
_cell.length_a   92.210
_cell.length_b   92.210
_cell.length_c   96.130
_cell.angle_alpha   90.00
_cell.angle_beta   90.00
_cell.angle_gamma   120.00
#
_symmetry.space_group_name_H-M   'P 65'
#
loop_
_entity.id
_entity.type
_entity.pdbx_description
1 polymer BB0689
2 water water
#
_entity_poly.entity_id   1
_entity_poly.type   'polypeptide(L)'
_entity_poly.pdbx_seq_one_letter_code
;GAMGHKIDTKEDMKILYSEIAELRKKLNLNHLEIDDTLEKVAKEYAIKLGENRTITHTLFGTTPMQRIHKYDQSFNLTRE
ILASGIELNRVVNAWLNSPSHKEALINTDTDKIGGYRLKTTDNIDIFVVLFGKRKYKN
;
_entity_poly.pdbx_strand_id   A,B
#
# COMPACT_ATOMS: atom_id res chain seq x y z
N MET A 3 14.46 -19.70 4.56
CA MET A 3 14.72 -18.31 4.05
C MET A 3 16.13 -18.17 3.46
N GLY A 4 16.30 -17.46 2.35
CA GLY A 4 17.67 -17.30 1.74
C GLY A 4 18.52 -16.35 2.60
N HIS A 5 19.66 -15.91 2.07
CA HIS A 5 20.59 -15.11 2.90
C HIS A 5 20.16 -13.65 2.88
N LYS A 6 20.51 -12.94 3.92
CA LYS A 6 20.13 -11.51 3.94
C LYS A 6 21.07 -10.63 3.11
N ILE A 7 20.73 -9.62 2.48
CA ILE A 7 21.53 -8.62 1.81
C ILE A 7 21.65 -7.39 2.66
N ASP A 8 22.81 -6.69 2.64
CA ASP A 8 22.96 -5.48 3.50
C ASP A 8 22.02 -4.41 2.98
N THR A 9 21.20 -3.78 3.82
CA THR A 9 20.32 -2.72 3.32
C THR A 9 20.58 -1.44 4.13
N LYS A 10 21.76 -1.33 4.74
CA LYS A 10 22.01 -0.12 5.53
C LYS A 10 21.82 1.13 4.73
N GLU A 11 22.36 1.14 3.52
CA GLU A 11 22.27 2.30 2.69
C GLU A 11 20.81 2.60 2.24
N ASP A 12 20.06 1.52 2.01
CA ASP A 12 18.62 1.67 1.71
C ASP A 12 17.91 2.40 2.80
N MET A 13 18.15 2.04 4.07
CA MET A 13 17.46 2.67 5.16
C MET A 13 17.90 4.09 5.34
N LYS A 14 19.16 4.41 5.04
CA LYS A 14 19.59 5.84 5.07
C LYS A 14 18.80 6.68 4.06
N ILE A 15 18.54 6.14 2.88
CA ILE A 15 17.74 6.80 1.86
C ILE A 15 16.31 6.98 2.38
N LEU A 16 15.74 5.90 2.90
CA LEU A 16 14.35 5.97 3.34
C LEU A 16 14.16 6.98 4.49
N TYR A 17 15.04 6.95 5.50
CA TYR A 17 14.97 7.91 6.60
C TYR A 17 15.01 9.34 6.08
N SER A 18 15.90 9.57 5.15
CA SER A 18 16.04 10.89 4.50
C SER A 18 14.80 11.38 3.73
N GLU A 19 14.18 10.47 2.98
CA GLU A 19 12.90 10.73 2.33
C GLU A 19 11.78 11.03 3.31
N ILE A 20 11.66 10.26 4.39
CA ILE A 20 10.62 10.52 5.36
C ILE A 20 10.91 11.89 6.03
N ALA A 21 12.16 12.12 6.38
CA ALA A 21 12.55 13.40 7.02
C ALA A 21 12.19 14.59 6.14
N GLU A 22 12.43 14.49 4.87
CA GLU A 22 12.10 15.59 3.93
C GLU A 22 10.61 15.84 3.80
N LEU A 23 9.85 14.77 3.68
CA LEU A 23 8.39 14.85 3.75
C LEU A 23 7.93 15.54 5.00
N ARG A 24 8.43 15.12 6.16
CA ARG A 24 7.93 15.75 7.40
C ARG A 24 8.36 17.23 7.51
N LYS A 25 9.55 17.53 7.04
CA LYS A 25 10.06 18.86 7.06
C LYS A 25 9.20 19.82 6.20
N LYS A 26 8.80 19.35 5.02
CA LYS A 26 7.94 20.13 4.15
C LYS A 26 6.58 20.37 4.75
N LEU A 27 6.11 19.52 5.63
CA LEU A 27 4.88 19.76 6.31
C LEU A 27 5.07 20.53 7.68
N ASN A 28 6.27 20.93 7.96
CA ASN A 28 6.62 21.55 9.29
C ASN A 28 6.22 20.72 10.44
N LEU A 29 6.44 19.39 10.29
CA LEU A 29 6.19 18.52 11.37
C LEU A 29 7.47 18.34 12.20
N ASN A 30 7.33 17.68 13.31
CA ASN A 30 8.53 17.52 14.16
C ASN A 30 9.57 16.53 13.64
N HIS A 31 10.82 16.85 13.92
CA HIS A 31 11.96 16.04 13.49
C HIS A 31 12.10 14.80 14.34
N LEU A 32 12.09 13.67 13.65
CA LEU A 32 12.27 12.39 14.30
C LEU A 32 13.76 12.01 14.38
N GLU A 33 14.19 11.46 15.51
CA GLU A 33 15.61 11.02 15.66
C GLU A 33 15.64 9.52 15.55
N ILE A 34 16.60 9.02 14.84
CA ILE A 34 16.75 7.52 14.69
C ILE A 34 17.09 6.90 16.02
N ASP A 35 16.42 5.82 16.39
CA ASP A 35 16.59 5.23 17.71
C ASP A 35 17.06 3.78 17.59
N ASP A 36 18.17 3.44 18.27
CA ASP A 36 18.68 2.08 18.24
C ASP A 36 17.75 1.01 18.70
N THR A 37 17.00 1.23 19.73
CA THR A 37 16.08 0.22 20.17
C THR A 37 15.00 -0.06 19.11
N LEU A 38 14.44 1.00 18.53
CA LEU A 38 13.40 0.81 17.47
C LEU A 38 14.03 0.10 16.30
N GLU A 39 15.26 0.43 15.91
CA GLU A 39 15.90 -0.26 14.81
C GLU A 39 16.06 -1.77 15.09
N LYS A 40 16.40 -2.10 16.34
CA LYS A 40 16.62 -3.52 16.72
C LYS A 40 15.26 -4.28 16.70
N VAL A 41 14.23 -3.69 17.23
CA VAL A 41 12.88 -4.31 17.25
C VAL A 41 12.39 -4.51 15.80
N ALA A 42 12.56 -3.50 14.94
CA ALA A 42 12.11 -3.59 13.54
C ALA A 42 12.84 -4.68 12.81
N LYS A 43 14.16 -4.82 13.00
CA LYS A 43 14.89 -5.86 12.37
C LYS A 43 14.48 -7.27 12.79
N GLU A 44 14.27 -7.44 14.08
CA GLU A 44 13.89 -8.77 14.61
C GLU A 44 12.55 -9.19 14.06
N TYR A 45 11.65 -8.20 14.03
CA TYR A 45 10.28 -8.46 13.47
C TYR A 45 10.27 -8.71 11.96
N ALA A 46 11.05 -7.93 11.20
CA ALA A 46 11.10 -8.11 9.79
C ALA A 46 11.56 -9.55 9.46
N ILE A 47 12.58 -10.01 10.21
CA ILE A 47 13.12 -11.39 9.96
C ILE A 47 12.03 -12.49 10.26
N LYS A 48 11.26 -12.29 11.31
CA LYS A 48 10.13 -13.20 11.65
C LYS A 48 9.07 -13.20 10.59
N LEU A 49 8.72 -12.03 10.11
CA LEU A 49 7.74 -11.92 8.98
C LEU A 49 8.25 -12.66 7.76
N GLY A 50 9.53 -12.45 7.43
CA GLY A 50 10.06 -13.13 6.28
C GLY A 50 10.13 -14.66 6.49
N GLU A 51 10.55 -15.10 7.66
CA GLU A 51 10.65 -16.57 7.95
C GLU A 51 9.28 -17.22 7.94
N ASN A 52 8.26 -16.45 8.25
CA ASN A 52 6.94 -17.03 8.33
C ASN A 52 6.01 -16.72 7.15
N ARG A 53 6.52 -16.05 6.14
CA ARG A 53 5.80 -15.83 4.87
C ARG A 53 4.54 -15.04 5.06
N THR A 54 4.62 -13.88 5.76
CA THR A 54 3.40 -13.13 6.11
C THR A 54 3.77 -11.68 6.25
N ILE A 55 2.76 -10.83 6.15
CA ILE A 55 2.85 -9.52 6.60
C ILE A 55 1.62 -9.28 7.52
N THR A 56 1.89 -8.91 8.74
CA THR A 56 0.84 -8.75 9.77
C THR A 56 1.41 -7.97 10.92
N HIS A 57 0.57 -7.25 11.65
CA HIS A 57 1.05 -6.48 12.84
C HIS A 57 1.03 -7.32 14.10
N THR A 58 0.45 -8.54 14.06
CA THR A 58 0.17 -9.30 15.30
C THR A 58 0.74 -10.71 15.29
N LEU A 59 1.92 -10.88 14.75
CA LEU A 59 2.46 -12.23 14.65
C LEU A 59 2.75 -12.87 16.00
N PHE A 60 2.27 -14.12 16.19
CA PHE A 60 2.40 -14.82 17.48
C PHE A 60 1.82 -14.15 18.67
N GLY A 61 0.70 -13.44 18.51
CA GLY A 61 0.01 -12.84 19.59
C GLY A 61 0.70 -11.62 20.20
N THR A 62 1.72 -11.06 19.54
CA THR A 62 2.33 -9.84 19.99
C THR A 62 1.77 -8.64 19.24
N THR A 63 1.95 -7.50 19.83
CA THR A 63 1.58 -6.23 19.24
C THR A 63 2.87 -5.36 19.09
N PRO A 64 2.83 -4.30 18.25
CA PRO A 64 4.03 -3.44 18.16
C PRO A 64 4.51 -2.92 19.49
N MET A 65 3.61 -2.39 20.30
CA MET A 65 4.04 -1.89 21.67
C MET A 65 4.72 -2.95 22.52
N GLN A 66 4.13 -4.15 22.51
CA GLN A 66 4.66 -5.27 23.27
C GLN A 66 6.02 -5.67 22.75
N ARG A 67 6.22 -5.65 21.42
CA ARG A 67 7.49 -6.00 20.86
C ARG A 67 8.55 -4.98 21.28
N ILE A 68 8.20 -3.71 21.32
CA ILE A 68 9.16 -2.69 21.76
C ILE A 68 9.40 -2.82 23.29
N HIS A 69 8.35 -3.09 24.05
CA HIS A 69 8.50 -3.23 25.53
C HIS A 69 9.34 -4.40 25.95
N LYS A 70 9.61 -5.32 25.06
CA LYS A 70 10.56 -6.38 25.38
C LYS A 70 11.96 -5.86 25.62
N TYR A 71 12.32 -4.75 24.97
CA TYR A 71 13.60 -4.15 25.18
C TYR A 71 13.54 -2.86 25.93
N ASP A 72 12.40 -2.16 25.91
CA ASP A 72 12.39 -0.84 26.54
C ASP A 72 11.01 -0.40 26.85
N GLN A 73 10.70 -0.42 28.14
CA GLN A 73 9.34 -0.28 28.59
C GLN A 73 8.96 1.17 28.68
N SER A 74 9.95 2.06 28.52
CA SER A 74 9.67 3.50 28.63
C SER A 74 8.87 4.11 27.47
N PHE A 75 8.79 3.43 26.33
CA PHE A 75 7.91 3.86 25.23
C PHE A 75 6.46 3.76 25.65
N ASN A 76 5.75 4.85 25.59
CA ASN A 76 4.36 4.85 25.98
C ASN A 76 3.48 5.18 24.81
N LEU A 77 4.07 5.40 23.65
CA LEU A 77 3.23 5.58 22.47
C LEU A 77 4.01 5.08 21.29
N THR A 78 3.38 4.28 20.42
CA THR A 78 4.08 3.72 19.27
C THR A 78 3.21 3.52 18.01
N ARG A 79 3.83 3.54 16.82
CA ARG A 79 3.15 3.14 15.56
C ARG A 79 4.07 2.28 14.73
N GLU A 80 3.46 1.47 13.86
CA GLU A 80 4.23 0.53 13.01
C GLU A 80 3.65 0.56 11.63
N ILE A 81 4.51 0.66 10.61
CA ILE A 81 4.11 0.48 9.24
C ILE A 81 4.95 -0.63 8.58
N LEU A 82 4.31 -1.41 7.70
CA LEU A 82 4.92 -2.47 6.97
C LEU A 82 4.78 -2.28 5.53
N ALA A 83 5.65 -2.89 4.74
CA ALA A 83 5.53 -3.02 3.32
C ALA A 83 6.24 -4.25 2.82
N SER A 84 5.73 -4.84 1.77
CA SER A 84 6.39 -5.97 1.13
C SER A 84 6.28 -5.96 -0.36
N GLY A 85 7.36 -6.38 -1.02
CA GLY A 85 7.41 -6.41 -2.43
C GLY A 85 7.36 -5.06 -3.12
N ILE A 86 7.74 -3.98 -2.44
CA ILE A 86 7.70 -2.64 -3.02
C ILE A 86 9.13 -2.05 -3.08
N GLU A 87 9.55 -1.49 -4.20
CA GLU A 87 10.89 -0.89 -4.32
C GLU A 87 11.09 0.32 -3.43
N LEU A 88 12.35 0.52 -3.08
CA LEU A 88 12.67 1.62 -2.16
C LEU A 88 12.17 2.97 -2.62
N ASN A 89 12.23 3.26 -3.91
CA ASN A 89 11.85 4.55 -4.44
C ASN A 89 10.36 4.66 -4.71
N ARG A 90 9.61 3.66 -4.32
CA ARG A 90 8.14 3.65 -4.41
C ARG A 90 7.40 3.50 -3.10
N VAL A 91 8.10 3.14 -2.04
CA VAL A 91 7.45 2.75 -0.80
C VAL A 91 6.77 3.92 -0.06
N VAL A 92 7.35 5.10 -0.08
CA VAL A 92 6.77 6.21 0.66
C VAL A 92 5.43 6.56 0.00
N ASN A 93 5.41 6.62 -1.32
CA ASN A 93 4.15 6.89 -1.98
C ASN A 93 3.14 5.79 -1.80
N ALA A 94 3.60 4.53 -1.74
CA ALA A 94 2.66 3.47 -1.46
C ALA A 94 2.00 3.61 -0.04
N TRP A 95 2.79 4.03 0.96
CA TRP A 95 2.23 4.28 2.25
C TRP A 95 1.32 5.56 2.27
N LEU A 96 1.69 6.60 1.54
CA LEU A 96 0.83 7.78 1.45
C LEU A 96 -0.58 7.46 0.88
N ASN A 97 -0.69 6.46 0.01
CA ASN A 97 -1.96 6.03 -0.60
C ASN A 97 -2.86 5.25 0.35
N SER A 98 -2.35 4.89 1.54
CA SER A 98 -3.14 4.20 2.57
C SER A 98 -3.44 5.19 3.66
N PRO A 99 -4.72 5.45 3.95
CA PRO A 99 -4.96 6.44 5.00
C PRO A 99 -4.27 6.16 6.39
N SER A 100 -4.33 4.91 6.82
CA SER A 100 -3.74 4.53 8.11
C SER A 100 -2.19 4.66 8.02
N HIS A 101 -1.58 4.21 6.94
CA HIS A 101 -0.15 4.43 6.79
C HIS A 101 0.33 5.88 6.68
N LYS A 102 -0.41 6.67 5.93
CA LYS A 102 -0.13 8.09 5.87
C LYS A 102 -0.17 8.73 7.29
N GLU A 103 -1.16 8.41 8.06
CA GLU A 103 -1.33 8.93 9.44
C GLU A 103 -0.04 8.72 10.23
N ALA A 104 0.54 7.53 10.11
CA ALA A 104 1.82 7.27 10.78
C ALA A 104 2.94 8.11 10.27
N LEU A 105 3.10 8.22 8.94
CA LEU A 105 4.19 8.99 8.39
C LEU A 105 4.17 10.46 8.79
N ILE A 106 3.00 11.01 8.93
CA ILE A 106 2.91 12.44 9.26
C ILE A 106 2.46 12.70 10.74
N ASN A 107 2.61 11.70 11.61
CA ASN A 107 2.21 11.82 13.01
C ASN A 107 3.04 12.89 13.78
N THR A 108 2.39 13.50 14.77
CA THR A 108 3.06 14.46 15.69
C THR A 108 3.19 13.93 17.07
N ASP A 109 2.86 12.65 17.28
CA ASP A 109 2.83 12.05 18.57
C ASP A 109 4.18 11.47 19.00
N THR A 110 5.11 11.25 18.06
CA THR A 110 6.30 10.40 18.34
C THR A 110 7.50 11.29 18.08
N ASP A 111 8.65 11.04 18.74
CA ASP A 111 9.86 11.74 18.43
C ASP A 111 11.00 10.89 17.96
N LYS A 112 10.81 9.58 17.94
CA LYS A 112 11.84 8.63 17.53
C LYS A 112 11.31 7.75 16.37
N ILE A 113 12.22 7.33 15.50
CA ILE A 113 11.94 6.41 14.41
C ILE A 113 13.05 5.35 14.37
N GLY A 114 12.68 4.15 13.91
CA GLY A 114 13.66 3.16 13.61
C GLY A 114 13.07 2.09 12.70
N GLY A 115 13.81 1.70 11.70
CA GLY A 115 13.32 0.69 10.76
C GLY A 115 14.33 -0.21 10.21
N TYR A 116 13.88 -1.11 9.38
CA TYR A 116 14.76 -2.13 8.78
C TYR A 116 14.13 -2.61 7.47
N ARG A 117 14.97 -2.90 6.50
CA ARG A 117 14.58 -3.53 5.26
C ARG A 117 15.23 -4.92 5.20
N LEU A 118 14.38 -5.93 5.18
CA LEU A 118 14.82 -7.34 4.89
C LEU A 118 14.76 -7.63 3.42
N LYS A 119 15.94 -7.92 2.83
CA LYS A 119 16.00 -8.24 1.42
C LYS A 119 16.88 -9.48 1.32
N THR A 120 16.35 -10.52 0.72
CA THR A 120 17.03 -11.81 0.78
C THR A 120 17.33 -12.29 -0.61
N THR A 121 18.11 -13.36 -0.66
CA THR A 121 18.53 -13.93 -1.93
C THR A 121 17.42 -14.64 -2.59
N ASP A 122 16.39 -15.03 -1.83
CA ASP A 122 15.17 -15.67 -2.40
C ASP A 122 14.02 -14.66 -2.57
N ASN A 123 14.33 -13.38 -2.77
CA ASN A 123 13.33 -12.41 -3.22
C ASN A 123 12.33 -11.99 -2.15
N ILE A 124 12.64 -12.14 -0.88
CA ILE A 124 11.91 -11.47 0.15
C ILE A 124 12.35 -10.02 0.22
N ASP A 125 11.36 -9.11 0.34
CA ASP A 125 11.63 -7.66 0.42
C ASP A 125 10.62 -7.02 1.34
N ILE A 126 11.02 -6.76 2.58
CA ILE A 126 10.08 -6.32 3.61
C ILE A 126 10.62 -5.08 4.30
N PHE A 127 9.98 -4.00 4.38
CA PHE A 127 10.08 -2.85 5.33
C PHE A 127 9.26 -3.01 6.56
N VAL A 128 10.01 -2.78 7.66
CA VAL A 128 9.34 -2.52 8.94
C VAL A 128 9.80 -1.16 9.47
N VAL A 129 8.85 -0.23 9.71
CA VAL A 129 9.23 1.11 10.26
C VAL A 129 8.41 1.39 11.47
N LEU A 130 9.09 1.69 12.59
CA LEU A 130 8.49 1.96 13.85
C LEU A 130 8.72 3.44 14.26
N PHE A 131 7.72 3.95 14.96
CA PHE A 131 7.70 5.29 15.50
C PHE A 131 7.38 5.18 16.97
N GLY A 132 8.04 6.03 17.79
CA GLY A 132 7.80 5.95 19.22
C GLY A 132 8.09 7.23 20.02
N LYS A 133 7.51 7.28 21.21
CA LYS A 133 7.77 8.40 22.18
C LYS A 133 8.05 7.71 23.51
N ARG A 134 9.15 8.03 24.16
CA ARG A 134 9.41 7.60 25.55
C ARG A 134 8.76 8.45 26.63
N LYS A 135 8.34 7.81 27.74
CA LYS A 135 8.14 8.46 29.05
C LYS A 135 9.34 9.29 29.44
N MET B 3 3.67 12.06 -21.84
CA MET B 3 3.77 10.75 -21.15
C MET B 3 4.30 9.61 -22.10
N GLY B 4 5.00 8.60 -22.03
CA GLY B 4 5.53 7.67 -23.04
C GLY B 4 4.42 6.88 -23.69
N HIS B 5 4.77 5.83 -24.45
CA HIS B 5 3.75 4.98 -25.05
C HIS B 5 3.01 4.19 -23.91
N LYS B 6 1.72 3.98 -24.08
CA LYS B 6 0.93 3.04 -23.22
C LYS B 6 1.08 1.60 -23.68
N ILE B 7 1.65 0.76 -22.83
CA ILE B 7 1.90 -0.63 -23.15
C ILE B 7 0.63 -1.37 -22.96
N ASP B 8 0.38 -2.37 -23.79
CA ASP B 8 -0.84 -3.16 -23.67
C ASP B 8 -0.80 -3.90 -22.30
N THR B 9 -1.87 -3.76 -21.52
CA THR B 9 -1.89 -4.42 -20.17
C THR B 9 -3.07 -5.36 -20.03
N LYS B 10 -3.62 -5.81 -21.17
CA LYS B 10 -4.83 -6.63 -21.07
C LYS B 10 -4.56 -7.96 -20.40
N GLU B 11 -3.46 -8.61 -20.72
CA GLU B 11 -3.08 -9.85 -20.05
C GLU B 11 -2.80 -9.61 -18.54
N ASP B 12 -2.16 -8.47 -18.22
CA ASP B 12 -1.98 -8.09 -16.78
C ASP B 12 -3.33 -8.05 -16.05
N MET B 13 -4.34 -7.41 -16.62
CA MET B 13 -5.62 -7.29 -16.01
C MET B 13 -6.34 -8.62 -15.88
N LYS B 14 -6.20 -9.50 -16.87
CA LYS B 14 -6.74 -10.88 -16.73
C LYS B 14 -6.15 -11.60 -15.52
N ILE B 15 -4.84 -11.51 -15.35
CA ILE B 15 -4.18 -12.08 -14.21
C ILE B 15 -4.65 -11.47 -12.90
N LEU B 16 -4.72 -10.13 -12.87
CA LEU B 16 -5.28 -9.48 -11.68
C LEU B 16 -6.72 -9.85 -11.31
N TYR B 17 -7.59 -9.85 -12.29
CA TYR B 17 -9.00 -10.24 -12.02
C TYR B 17 -9.08 -11.66 -11.50
N SER B 18 -8.27 -12.53 -12.05
CA SER B 18 -8.31 -13.92 -11.62
C SER B 18 -7.75 -14.09 -10.17
N GLU B 19 -6.74 -13.32 -9.84
CA GLU B 19 -6.23 -13.29 -8.48
C GLU B 19 -7.26 -12.78 -7.47
N ILE B 20 -7.93 -11.67 -7.75
CA ILE B 20 -8.94 -11.15 -6.87
C ILE B 20 -10.12 -12.17 -6.75
N ALA B 21 -10.50 -12.76 -7.86
CA ALA B 21 -11.61 -13.76 -7.85
C ALA B 21 -11.26 -14.94 -7.01
N GLU B 22 -10.00 -15.39 -7.04
CA GLU B 22 -9.60 -16.52 -6.18
C GLU B 22 -9.61 -16.20 -4.71
N LEU B 23 -9.10 -15.02 -4.37
CA LEU B 23 -9.12 -14.53 -2.99
C LEU B 23 -10.58 -14.50 -2.49
N ARG B 24 -11.47 -13.96 -3.29
CA ARG B 24 -12.88 -13.84 -2.83
C ARG B 24 -13.54 -15.21 -2.71
N LYS B 25 -13.25 -16.06 -3.68
CA LYS B 25 -13.83 -17.42 -3.67
C LYS B 25 -13.36 -18.18 -2.40
N LYS B 26 -12.06 -18.10 -2.05
CA LYS B 26 -11.62 -18.72 -0.78
C LYS B 26 -12.30 -18.22 0.46
N LEU B 27 -12.76 -16.99 0.48
CA LEU B 27 -13.49 -16.43 1.58
C LEU B 27 -15.03 -16.67 1.47
N ASN B 28 -15.42 -17.36 0.42
CA ASN B 28 -16.85 -17.56 0.05
C ASN B 28 -17.67 -16.29 -0.06
N LEU B 29 -17.07 -15.25 -0.66
CA LEU B 29 -17.69 -14.01 -0.89
C LEU B 29 -18.34 -14.07 -2.30
N ASN B 30 -19.11 -13.06 -2.62
CA ASN B 30 -19.85 -13.07 -3.90
C ASN B 30 -18.96 -12.91 -5.10
N HIS B 31 -19.28 -13.65 -6.13
CA HIS B 31 -18.58 -13.51 -7.42
C HIS B 31 -18.88 -12.21 -8.17
N LEU B 32 -17.80 -11.47 -8.49
CA LEU B 32 -17.86 -10.22 -9.22
C LEU B 32 -17.74 -10.47 -10.72
N GLU B 33 -18.59 -9.77 -11.51
CA GLU B 33 -18.51 -9.86 -12.94
C GLU B 33 -17.79 -8.62 -13.48
N ILE B 34 -16.94 -8.83 -14.42
CA ILE B 34 -16.26 -7.70 -15.12
C ILE B 34 -17.26 -6.84 -15.89
N ASP B 35 -17.14 -5.52 -15.79
CA ASP B 35 -18.12 -4.61 -16.31
C ASP B 35 -17.43 -3.60 -17.23
N ASP B 36 -17.97 -3.44 -18.44
CA ASP B 36 -17.32 -2.59 -19.45
C ASP B 36 -17.31 -1.15 -19.06
N THR B 37 -18.39 -0.70 -18.47
CA THR B 37 -18.44 0.67 -18.03
C THR B 37 -17.36 0.95 -16.98
N LEU B 38 -17.24 0.05 -16.00
CA LEU B 38 -16.21 0.26 -14.93
C LEU B 38 -14.86 0.25 -15.57
N GLU B 39 -14.58 -0.63 -16.52
CA GLU B 39 -13.27 -0.67 -17.17
C GLU B 39 -12.88 0.62 -17.90
N LYS B 40 -13.85 1.19 -18.60
CA LYS B 40 -13.67 2.43 -19.34
C LYS B 40 -13.40 3.63 -18.37
N VAL B 41 -14.19 3.74 -17.33
CA VAL B 41 -13.99 4.77 -16.26
C VAL B 41 -12.59 4.62 -15.59
N ALA B 42 -12.21 3.38 -15.27
CA ALA B 42 -10.91 3.12 -14.68
C ALA B 42 -9.79 3.55 -15.58
N LYS B 43 -9.89 3.24 -16.87
CA LYS B 43 -8.86 3.55 -17.77
C LYS B 43 -8.74 5.08 -17.96
N GLU B 44 -9.87 5.75 -18.06
CA GLU B 44 -9.93 7.24 -18.24
C GLU B 44 -9.27 7.95 -17.07
N TYR B 45 -9.59 7.44 -15.89
CA TYR B 45 -9.00 8.01 -14.64
C TYR B 45 -7.52 7.69 -14.47
N ALA B 46 -7.12 6.46 -14.81
CA ALA B 46 -5.73 6.10 -14.69
C ALA B 46 -4.89 7.03 -15.57
N ILE B 47 -5.42 7.31 -16.77
CA ILE B 47 -4.64 8.16 -17.69
C ILE B 47 -4.50 9.60 -17.14
N LYS B 48 -5.56 10.10 -16.54
CA LYS B 48 -5.52 11.43 -15.92
C LYS B 48 -4.51 11.46 -14.78
N LEU B 49 -4.52 10.41 -13.95
CA LEU B 49 -3.52 10.31 -12.85
C LEU B 49 -2.10 10.34 -13.38
N GLY B 50 -1.86 9.57 -14.44
CA GLY B 50 -0.52 9.51 -14.97
C GLY B 50 -0.14 10.87 -15.64
N GLU B 51 -1.09 11.54 -16.30
CA GLU B 51 -0.84 12.83 -16.96
C GLU B 51 -0.54 13.92 -15.96
N ASN B 52 -1.10 13.78 -14.78
CA ASN B 52 -0.99 14.83 -13.75
C ASN B 52 -0.03 14.51 -12.61
N ARG B 53 0.66 13.36 -12.70
CA ARG B 53 1.72 12.96 -11.80
C ARG B 53 1.18 12.85 -10.36
N THR B 54 0.09 12.15 -10.22
CA THR B 54 -0.57 12.06 -8.91
C THR B 54 -1.22 10.70 -8.72
N ILE B 55 -1.46 10.36 -7.43
CA ILE B 55 -2.36 9.34 -7.06
C ILE B 55 -3.31 9.93 -6.00
N THR B 56 -4.59 10.01 -6.33
CA THR B 56 -5.61 10.62 -5.49
C THR B 56 -6.93 10.17 -5.93
N HIS B 57 -7.92 10.09 -5.00
CA HIS B 57 -9.28 9.70 -5.37
C HIS B 57 -10.12 10.88 -5.85
N THR B 58 -9.60 12.10 -5.77
CA THR B 58 -10.44 13.28 -5.98
C THR B 58 -9.89 14.27 -6.97
N LEU B 59 -9.29 13.78 -8.04
CA LEU B 59 -8.74 14.71 -8.98
C LEU B 59 -9.78 15.67 -9.65
N PHE B 60 -9.42 16.95 -9.68
CA PHE B 60 -10.25 17.99 -10.30
C PHE B 60 -11.63 18.01 -9.75
N GLY B 61 -11.73 17.71 -8.48
CA GLY B 61 -12.98 17.86 -7.73
C GLY B 61 -14.03 16.81 -7.98
N THR B 62 -13.63 15.67 -8.56
CA THR B 62 -14.58 14.59 -8.84
C THR B 62 -14.36 13.53 -7.81
N THR B 63 -15.32 12.66 -7.69
CA THR B 63 -15.26 11.52 -6.79
C THR B 63 -15.43 10.24 -7.62
N PRO B 64 -15.08 9.04 -7.06
CA PRO B 64 -15.30 7.80 -7.85
C PRO B 64 -16.74 7.66 -8.35
N MET B 65 -17.72 7.93 -7.48
CA MET B 65 -19.13 7.82 -7.92
C MET B 65 -19.46 8.72 -9.10
N GLN B 66 -19.01 9.97 -9.01
CA GLN B 66 -19.34 10.94 -10.00
C GLN B 66 -18.67 10.57 -11.28
N ARG B 67 -17.45 10.01 -11.22
CA ARG B 67 -16.80 9.67 -12.47
C ARG B 67 -17.53 8.51 -13.16
N ILE B 68 -18.04 7.59 -12.38
CA ILE B 68 -18.84 6.47 -12.91
C ILE B 68 -20.18 6.99 -13.49
N HIS B 69 -20.80 7.87 -12.71
CA HIS B 69 -22.05 8.52 -13.18
C HIS B 69 -21.95 9.35 -14.44
N LYS B 70 -20.78 9.80 -14.83
CA LYS B 70 -20.61 10.36 -16.16
C LYS B 70 -21.09 9.39 -17.29
N TYR B 71 -20.90 8.09 -17.11
CA TYR B 71 -21.27 7.12 -18.12
C TYR B 71 -22.53 6.33 -17.77
N ASP B 72 -22.89 6.22 -16.49
CA ASP B 72 -23.97 5.29 -16.11
C ASP B 72 -24.37 5.62 -14.70
N GLN B 73 -25.47 6.33 -14.63
CA GLN B 73 -25.99 6.81 -13.39
C GLN B 73 -26.70 5.76 -12.54
N SER B 74 -26.93 4.58 -13.09
CA SER B 74 -27.61 3.53 -12.37
C SER B 74 -26.77 2.89 -11.24
N PHE B 75 -25.43 3.06 -11.26
CA PHE B 75 -24.63 2.62 -10.11
C PHE B 75 -25.00 3.43 -8.90
N ASN B 76 -25.24 2.74 -7.81
CA ASN B 76 -25.74 3.39 -6.61
C ASN B 76 -24.88 3.08 -5.43
N LEU B 77 -23.88 2.20 -5.60
CA LEU B 77 -22.85 1.99 -4.61
C LEU B 77 -21.54 1.76 -5.35
N THR B 78 -20.43 2.37 -4.89
CA THR B 78 -19.14 2.14 -5.59
C THR B 78 -17.90 2.19 -4.67
N ARG B 79 -16.80 1.50 -5.03
CA ARG B 79 -15.53 1.65 -4.36
C ARG B 79 -14.39 1.75 -5.40
N GLU B 80 -13.32 2.40 -4.98
CA GLU B 80 -12.15 2.54 -5.83
C GLU B 80 -10.90 2.24 -5.06
N ILE B 81 -9.99 1.46 -5.64
CA ILE B 81 -8.67 1.23 -5.10
C ILE B 81 -7.62 1.64 -6.16
N LEU B 82 -6.54 2.27 -5.71
CA LEU B 82 -5.45 2.68 -6.57
C LEU B 82 -4.14 2.07 -6.11
N ALA B 83 -3.17 1.95 -7.01
CA ALA B 83 -1.80 1.60 -6.73
C ALA B 83 -0.88 2.21 -7.75
N SER B 84 0.33 2.49 -7.32
CA SER B 84 1.34 3.01 -8.19
C SER B 84 2.65 2.47 -7.86
N GLY B 85 3.41 2.15 -8.90
CA GLY B 85 4.75 1.71 -8.73
C GLY B 85 4.86 0.38 -8.03
N ILE B 86 3.84 -0.48 -8.15
CA ILE B 86 3.85 -1.78 -7.55
C ILE B 86 3.65 -2.86 -8.64
N GLU B 87 4.50 -3.88 -8.64
CA GLU B 87 4.39 -4.92 -9.68
C GLU B 87 3.13 -5.75 -9.57
N LEU B 88 2.71 -6.28 -10.73
CA LEU B 88 1.49 -7.11 -10.79
C LEU B 88 1.41 -8.22 -9.72
N ASN B 89 2.49 -8.92 -9.48
CA ASN B 89 2.45 -10.03 -8.61
C ASN B 89 2.61 -9.63 -7.13
N ARG B 90 2.64 -8.34 -6.85
CA ARG B 90 2.72 -7.81 -5.48
C ARG B 90 1.57 -6.92 -5.11
N VAL B 91 0.72 -6.51 -6.06
CA VAL B 91 -0.27 -5.46 -5.79
C VAL B 91 -1.43 -5.93 -4.87
N VAL B 92 -1.84 -7.19 -4.99
CA VAL B 92 -2.93 -7.68 -4.15
C VAL B 92 -2.50 -7.70 -2.68
N ASN B 93 -1.33 -8.24 -2.43
CA ASN B 93 -0.78 -8.15 -1.04
C ASN B 93 -0.58 -6.76 -0.50
N ALA B 94 -0.17 -5.86 -1.39
CA ALA B 94 -0.01 -4.45 -0.96
C ALA B 94 -1.37 -3.82 -0.54
N TRP B 95 -2.41 -4.11 -1.29
CA TRP B 95 -3.73 -3.68 -0.92
C TRP B 95 -4.29 -4.41 0.37
N LEU B 96 -3.99 -5.70 0.54
CA LEU B 96 -4.38 -6.40 1.78
C LEU B 96 -3.76 -5.80 3.02
N ASN B 97 -2.55 -5.22 2.89
CA ASN B 97 -1.81 -4.56 3.99
C ASN B 97 -2.38 -3.20 4.44
N SER B 98 -3.34 -2.65 3.66
CA SER B 98 -4.02 -1.39 3.98
C SER B 98 -5.43 -1.72 4.40
N PRO B 99 -5.82 -1.34 5.62
CA PRO B 99 -7.17 -1.69 6.01
C PRO B 99 -8.32 -1.26 5.08
N SER B 100 -8.16 -0.06 4.56
CA SER B 100 -9.18 0.57 3.71
C SER B 100 -9.25 -0.20 2.37
N HIS B 101 -8.10 -0.51 1.80
CA HIS B 101 -8.03 -1.30 0.54
C HIS B 101 -8.49 -2.72 0.68
N LYS B 102 -8.12 -3.33 1.80
CA LYS B 102 -8.61 -4.64 2.07
C LYS B 102 -10.13 -4.74 2.06
N GLU B 103 -10.74 -3.82 2.75
CA GLU B 103 -12.21 -3.74 2.87
C GLU B 103 -12.82 -3.70 1.49
N ALA B 104 -12.27 -2.88 0.55
CA ALA B 104 -12.74 -3.01 -0.84
C ALA B 104 -12.59 -4.34 -1.49
N LEU B 105 -11.42 -4.98 -1.36
CA LEU B 105 -11.20 -6.27 -1.97
C LEU B 105 -12.19 -7.32 -1.52
N ILE B 106 -12.54 -7.25 -0.26
CA ILE B 106 -13.42 -8.33 0.31
C ILE B 106 -14.84 -7.87 0.55
N ASN B 107 -15.27 -6.83 -0.10
CA ASN B 107 -16.59 -6.25 0.15
C ASN B 107 -17.71 -7.19 -0.42
N THR B 108 -18.88 -7.10 0.24
CA THR B 108 -20.09 -7.88 -0.19
C THR B 108 -21.15 -6.95 -0.70
N ASP B 109 -20.81 -5.68 -0.88
CA ASP B 109 -21.79 -4.76 -1.36
C ASP B 109 -21.87 -4.55 -2.86
N THR B 110 -20.95 -5.08 -3.63
CA THR B 110 -20.89 -4.76 -5.05
C THR B 110 -20.96 -6.09 -5.79
N ASP B 111 -21.39 -6.08 -7.05
CA ASP B 111 -21.36 -7.22 -7.90
C ASP B 111 -20.65 -7.09 -9.24
N LYS B 112 -20.05 -5.92 -9.52
CA LYS B 112 -19.34 -5.68 -10.74
C LYS B 112 -17.92 -5.12 -10.37
N ILE B 113 -16.97 -5.46 -11.22
CA ILE B 113 -15.58 -4.96 -11.13
C ILE B 113 -15.10 -4.49 -12.49
N GLY B 114 -14.20 -3.50 -12.46
CA GLY B 114 -13.48 -3.15 -13.70
C GLY B 114 -12.30 -2.33 -13.38
N GLY B 115 -11.17 -2.65 -14.01
CA GLY B 115 -9.93 -1.92 -13.77
C GLY B 115 -9.11 -1.73 -14.98
N TYR B 116 -8.01 -1.04 -14.79
CA TYR B 116 -7.02 -0.79 -15.86
C TYR B 116 -5.65 -0.62 -15.22
N ARG B 117 -4.58 -1.01 -15.92
CA ARG B 117 -3.26 -0.72 -15.51
C ARG B 117 -2.64 0.13 -16.62
N LEU B 118 -2.25 1.34 -16.24
CA LEU B 118 -1.42 2.21 -17.06
C LEU B 118 -0.01 1.89 -16.90
N LYS B 119 0.66 1.45 -17.97
CA LYS B 119 2.06 1.10 -17.84
C LYS B 119 2.78 1.74 -19.05
N THR B 120 3.67 2.69 -18.83
CA THR B 120 4.31 3.42 -19.93
C THR B 120 5.79 3.19 -20.01
N THR B 121 6.35 3.63 -21.15
CA THR B 121 7.77 3.51 -21.34
C THR B 121 8.54 4.54 -20.56
N ASP B 122 7.87 5.55 -20.01
CA ASP B 122 8.56 6.45 -19.07
C ASP B 122 8.25 6.16 -17.57
N ASN B 123 8.17 4.88 -17.23
CA ASN B 123 8.05 4.36 -15.90
C ASN B 123 6.83 4.76 -15.07
N ILE B 124 5.73 5.07 -15.74
CA ILE B 124 4.50 5.23 -15.03
C ILE B 124 3.89 3.85 -14.90
N ASP B 125 3.33 3.54 -13.72
CA ASP B 125 2.72 2.16 -13.49
C ASP B 125 1.61 2.30 -12.48
N ILE B 126 0.37 2.40 -12.95
CA ILE B 126 -0.74 2.81 -12.11
C ILE B 126 -1.86 1.77 -12.32
N PHE B 127 -2.38 1.05 -11.39
CA PHE B 127 -3.70 0.36 -11.21
C PHE B 127 -4.78 1.24 -10.71
N VAL B 128 -5.84 1.19 -11.44
CA VAL B 128 -7.12 1.65 -10.95
C VAL B 128 -8.15 0.53 -11.04
N VAL B 129 -8.78 0.17 -9.87
CA VAL B 129 -9.78 -0.92 -9.83
C VAL B 129 -11.04 -0.39 -9.15
N LEU B 130 -12.18 -0.50 -9.87
CA LEU B 130 -13.44 -0.04 -9.39
C LEU B 130 -14.39 -1.23 -9.17
N PHE B 131 -15.23 -1.04 -8.18
CA PHE B 131 -16.21 -1.97 -7.79
C PHE B 131 -17.52 -1.24 -7.76
N GLY B 132 -18.59 -1.93 -8.17
CA GLY B 132 -19.88 -1.28 -8.15
C GLY B 132 -21.15 -2.20 -8.14
N LYS B 133 -22.26 -1.61 -7.70
CA LYS B 133 -23.63 -2.26 -7.72
C LYS B 133 -24.59 -1.33 -8.49
N ARG B 134 -25.32 -1.85 -9.50
CA ARG B 134 -26.42 -1.08 -10.17
C ARG B 134 -27.74 -1.23 -9.45
N LYS B 135 -28.50 -0.12 -9.38
CA LYS B 135 -29.91 -0.07 -8.94
C LYS B 135 -30.04 -0.22 -7.44
#